data_3FXP
#
_entry.id   3FXP
#
_cell.length_a   92.893
_cell.length_b   92.893
_cell.length_c   128.537
_cell.angle_alpha   90.00
_cell.angle_beta   90.00
_cell.angle_gamma   120.00
#
_symmetry.space_group_name_H-M   'P 61 2 2'
#
loop_
_entity.id
_entity.type
_entity.pdbx_description
1 polymer Thermolysin
2 non-polymer 'CALCIUM ION'
3 non-polymer 'ZINC ION'
4 non-polymer N~2~-[(2S)-2-{[1-(4-carboxybenzyl)-1H-1,2,3-triazol-4-yl]methyl}-3-methylbutanoyl]-L-lysine
5 non-polymer D-glucose
6 water water
#
_entity_poly.entity_id   1
_entity_poly.type   'polypeptide(L)'
_entity_poly.pdbx_seq_one_letter_code
;ITGTSTVGVGRGVLGDQKNINTTYSTYYYLQDNTRGNGIFTYDAKYRTTLPGSLWADADNQFFASYDAPAVDAHYYAGVT
YDYYKNVHNRLSYDGNNAAIRSSVHYSQGYNNAFWNGSQMVYGDGDGQTFIPLSGGIDVVAHELTHAVTDYTAGLIYQNE
SGAINEAISDIFGTLVEFYANKNPDWEIGEDVYTPGISGDSLRSMSDPAKYGDPDHYSKRYTGTQDNGGVHINSGIINKA
AYLISQGGTHYGVSVVGIGRDKLGKIFYRALTQYLTPTSNFSQLRAAAVQSATDLYGSTSQEVASVKQAFDAVGVK
;
_entity_poly.pdbx_strand_id   A
#
loop_
_chem_comp.id
_chem_comp.type
_chem_comp.name
_chem_comp.formula
CA non-polymer 'CALCIUM ION' 'Ca 2'
D38 non-polymer N~2~-[(2S)-2-{[1-(4-carboxybenzyl)-1H-1,2,3-triazol-4-yl]methyl}-3-methylbutanoyl]-L-lysine 'C22 H31 N5 O5'
GLO D-saccharide D-glucose 'C6 H12 O6'
ZN non-polymer 'ZINC ION' 'Zn 2'
#
# COMPACT_ATOMS: atom_id res chain seq x y z
N ILE A 1 24.69 -8.08 -3.59
CA ILE A 1 25.95 -8.81 -3.47
C ILE A 1 25.90 -10.17 -4.13
N THR A 2 27.06 -10.67 -4.56
CA THR A 2 27.13 -11.97 -5.22
C THR A 2 27.30 -13.04 -4.16
N GLY A 3 26.48 -14.10 -4.18
CA GLY A 3 26.59 -15.08 -3.11
C GLY A 3 25.58 -16.19 -3.24
N THR A 4 25.35 -16.96 -2.17
CA THR A 4 24.45 -18.10 -2.44
C THR A 4 23.11 -17.88 -1.76
N SER A 5 22.02 -18.28 -2.42
CA SER A 5 20.70 -18.08 -1.83
C SER A 5 20.44 -19.01 -0.65
N THR A 6 19.94 -18.46 0.44
CA THR A 6 19.64 -19.23 1.64
C THR A 6 18.33 -18.76 2.26
N VAL A 7 18.00 -19.35 3.39
CA VAL A 7 16.76 -18.97 4.07
C VAL A 7 17.04 -18.75 5.55
N GLY A 8 16.79 -17.53 6.01
CA GLY A 8 16.93 -17.14 7.40
C GLY A 8 15.58 -17.25 8.11
N VAL A 9 15.59 -17.14 9.44
CA VAL A 9 14.38 -17.16 10.27
C VAL A 9 14.46 -16.07 11.31
N GLY A 10 13.34 -15.44 11.66
CA GLY A 10 13.44 -14.37 12.68
C GLY A 10 12.04 -14.01 13.14
N ARG A 11 11.88 -12.93 13.89
CA ARG A 11 10.56 -12.49 14.33
C ARG A 11 10.28 -11.08 13.82
N GLY A 12 9.03 -10.81 13.41
CA GLY A 12 8.78 -9.44 12.97
C GLY A 12 8.42 -8.57 14.17
N VAL A 13 8.02 -7.35 13.88
CA VAL A 13 7.66 -6.31 14.83
C VAL A 13 6.61 -6.78 15.84
N LEU A 14 5.63 -7.53 15.37
CA LEU A 14 4.56 -7.98 16.27
C LEU A 14 4.90 -9.31 16.95
N GLY A 15 6.12 -9.82 16.86
CA GLY A 15 6.53 -10.98 17.63
C GLY A 15 6.29 -12.31 16.91
N ASP A 16 5.86 -12.21 15.67
CA ASP A 16 5.57 -13.36 14.83
C ASP A 16 6.83 -13.86 14.12
N GLN A 17 6.98 -15.17 14.05
CA GLN A 17 8.15 -15.82 13.46
C GLN A 17 7.92 -16.11 11.98
N LYS A 18 8.91 -15.81 11.16
CA LYS A 18 8.72 -16.07 9.74
C LYS A 18 10.06 -16.38 9.06
N ASN A 19 10.06 -17.12 7.96
CA ASN A 19 11.31 -17.36 7.24
C ASN A 19 11.53 -16.20 6.26
N ILE A 20 12.76 -15.85 5.96
CA ILE A 20 13.10 -14.77 5.03
C ILE A 20 14.18 -15.24 4.06
N ASN A 21 14.10 -14.80 2.81
CA ASN A 21 15.10 -15.21 1.83
C ASN A 21 16.34 -14.33 1.97
N THR A 22 17.49 -14.96 2.14
CA THR A 22 18.73 -14.19 2.30
C THR A 22 19.81 -14.61 1.31
N THR A 23 20.97 -13.95 1.40
CA THR A 23 22.08 -14.30 0.51
C THR A 23 23.36 -14.45 1.31
N TYR A 24 24.08 -15.56 1.11
CA TYR A 24 25.26 -15.76 1.93
C TYR A 24 26.54 -15.48 1.15
N SER A 25 27.37 -14.67 1.78
CA SER A 25 28.70 -14.29 1.33
C SER A 25 29.45 -13.66 2.51
N THR A 26 30.03 -14.54 3.32
CA THR A 26 30.70 -14.22 4.56
C THR A 26 29.66 -13.92 5.65
N TYR A 27 28.78 -12.98 5.35
CA TYR A 27 27.63 -12.69 6.18
C TYR A 27 26.38 -13.15 5.41
N TYR A 28 25.27 -13.22 6.13
CA TYR A 28 23.94 -13.41 5.57
C TYR A 28 23.29 -12.05 5.37
N TYR A 29 22.97 -11.71 4.13
CA TYR A 29 22.36 -10.44 3.80
C TYR A 29 20.88 -10.55 3.50
N LEU A 30 20.12 -9.52 3.84
CA LEU A 30 18.72 -9.44 3.48
C LEU A 30 18.63 -9.08 1.99
N GLN A 31 18.90 -10.10 1.18
CA GLN A 31 18.83 -10.07 -0.27
C GLN A 31 18.10 -11.32 -0.75
N ASP A 32 16.89 -11.13 -1.26
CA ASP A 32 16.01 -12.17 -1.77
C ASP A 32 16.19 -12.29 -3.29
N ASN A 33 16.78 -13.38 -3.75
CA ASN A 33 17.07 -13.65 -5.16
C ASN A 33 15.95 -14.45 -5.82
N THR A 34 14.90 -14.79 -5.07
CA THR A 34 13.85 -15.62 -5.64
C THR A 34 12.74 -14.80 -6.30
N ARG A 35 12.79 -13.49 -6.18
CA ARG A 35 11.78 -12.62 -6.75
C ARG A 35 12.38 -11.57 -7.69
N GLY A 36 12.09 -11.69 -8.97
CA GLY A 36 12.59 -10.75 -9.96
C GLY A 36 14.07 -10.47 -9.85
N ASN A 37 14.43 -9.19 -9.95
CA ASN A 37 15.86 -8.92 -9.86
C ASN A 37 16.24 -8.71 -8.41
N GLY A 38 15.43 -9.22 -7.49
CA GLY A 38 15.88 -9.19 -6.11
C GLY A 38 15.17 -8.21 -5.22
N ILE A 39 15.03 -8.62 -3.95
CA ILE A 39 14.53 -7.72 -2.92
C ILE A 39 15.64 -7.48 -1.90
N PHE A 40 15.96 -6.22 -1.66
CA PHE A 40 17.09 -5.78 -0.84
C PHE A 40 16.64 -4.86 0.30
N THR A 41 16.97 -5.26 1.53
CA THR A 41 16.59 -4.45 2.70
C THR A 41 17.82 -3.90 3.40
N TYR A 42 17.80 -2.60 3.70
CA TYR A 42 18.96 -1.91 4.26
C TYR A 42 18.74 -1.32 5.65
N ASP A 43 19.85 -1.07 6.35
CA ASP A 43 19.86 -0.47 7.67
C ASP A 43 20.26 1.00 7.56
N ALA A 44 19.35 1.90 7.92
CA ALA A 44 19.70 3.32 7.86
C ALA A 44 20.37 3.74 9.17
N LYS A 45 20.32 2.89 10.19
CA LYS A 45 21.11 3.07 11.40
C LYS A 45 20.75 4.31 12.19
N TYR A 46 19.47 4.67 12.17
CA TYR A 46 18.93 5.82 12.86
C TYR A 46 19.29 7.14 12.18
N ARG A 47 19.91 7.08 11.02
CA ARG A 47 20.23 8.33 10.33
C ARG A 47 19.35 8.49 9.11
N THR A 48 19.55 9.54 8.31
CA THR A 48 18.61 9.78 7.21
C THR A 48 19.30 9.71 5.87
N THR A 49 20.59 9.35 5.87
CA THR A 49 21.18 9.17 4.53
C THR A 49 20.72 7.83 4.00
N LEU A 50 20.37 7.74 2.71
CA LEU A 50 19.81 6.52 2.15
C LEU A 50 20.62 6.01 0.95
N PRO A 51 20.59 4.69 0.73
CA PRO A 51 19.79 3.77 1.54
C PRO A 51 20.44 3.24 2.80
N GLY A 52 21.70 3.51 3.08
CA GLY A 52 22.31 2.84 4.23
C GLY A 52 23.10 1.61 3.79
N SER A 53 23.31 0.63 4.66
CA SER A 53 24.11 -0.56 4.41
C SER A 53 23.22 -1.76 4.10
N LEU A 54 23.53 -2.57 3.09
CA LEU A 54 22.70 -3.76 2.87
C LEU A 54 22.69 -4.58 4.15
N TRP A 55 21.52 -4.97 4.64
CA TRP A 55 21.45 -5.58 5.97
C TRP A 55 22.29 -6.85 6.00
N ALA A 56 23.18 -6.92 6.99
CA ALA A 56 24.13 -8.00 7.18
C ALA A 56 24.00 -8.63 8.55
N ASP A 57 23.97 -9.97 8.59
CA ASP A 57 23.81 -10.71 9.84
C ASP A 57 24.73 -11.93 9.87
N ALA A 58 25.39 -12.15 11.00
CA ALA A 58 26.36 -13.24 11.07
C ALA A 58 25.79 -14.64 11.03
N ASP A 59 24.58 -14.92 11.51
CA ASP A 59 24.22 -16.33 11.61
C ASP A 59 22.91 -16.66 10.92
N ASN A 60 22.33 -15.71 10.20
CA ASN A 60 21.08 -15.98 9.50
C ASN A 60 19.90 -16.15 10.46
N GLN A 61 20.00 -15.71 11.72
CA GLN A 61 18.85 -15.71 12.61
C GLN A 61 18.54 -14.27 13.03
N PHE A 62 17.27 -13.89 12.94
CA PHE A 62 16.95 -12.47 13.09
C PHE A 62 15.89 -12.27 14.15
N PHE A 63 16.28 -12.61 15.38
CA PHE A 63 15.37 -12.56 16.51
C PHE A 63 15.73 -11.42 17.45
N ALA A 64 16.69 -10.58 17.06
CA ALA A 64 16.95 -9.44 17.94
C ALA A 64 15.81 -8.46 17.79
N SER A 65 15.56 -7.62 18.80
CA SER A 65 14.52 -6.61 18.61
C SER A 65 14.92 -5.63 17.50
N TYR A 66 16.21 -5.29 17.41
CA TYR A 66 16.72 -4.43 16.33
C TYR A 66 16.46 -5.03 14.95
N ASP A 67 16.33 -6.34 14.84
CA ASP A 67 16.15 -7.04 13.57
C ASP A 67 14.73 -6.98 13.02
N ALA A 68 13.77 -6.82 13.92
CA ALA A 68 12.35 -7.00 13.60
C ALA A 68 11.87 -6.11 12.47
N PRO A 69 12.16 -4.81 12.49
CA PRO A 69 11.68 -4.00 11.36
C PRO A 69 12.23 -4.45 10.02
N ALA A 70 13.47 -4.91 10.00
CA ALA A 70 14.04 -5.37 8.74
C ALA A 70 13.40 -6.67 8.28
N VAL A 71 13.18 -7.57 9.24
CA VAL A 71 12.50 -8.83 8.94
C VAL A 71 11.18 -8.55 8.22
N ASP A 72 10.37 -7.67 8.79
CA ASP A 72 9.05 -7.41 8.23
C ASP A 72 9.09 -6.62 6.93
N ALA A 73 10.00 -5.65 6.86
CA ALA A 73 10.17 -4.87 5.64
C ALA A 73 10.45 -5.77 4.44
N HIS A 74 11.40 -6.66 4.65
CA HIS A 74 11.85 -7.69 3.72
C HIS A 74 10.73 -8.68 3.38
N TYR A 75 10.10 -9.27 4.39
CA TYR A 75 9.07 -10.27 4.14
C TYR A 75 7.86 -9.69 3.42
N TYR A 76 7.42 -8.52 3.90
CA TYR A 76 6.19 -7.99 3.31
C TYR A 76 6.49 -7.39 1.94
N ALA A 77 7.73 -6.98 1.67
CA ALA A 77 7.96 -6.60 0.27
C ALA A 77 7.75 -7.83 -0.61
N GLY A 78 8.17 -8.99 -0.11
CA GLY A 78 8.05 -10.22 -0.90
C GLY A 78 6.60 -10.59 -1.13
N VAL A 79 5.79 -10.45 -0.07
CA VAL A 79 4.37 -10.73 -0.17
C VAL A 79 3.67 -9.82 -1.18
N THR A 80 4.03 -8.55 -1.12
CA THR A 80 3.51 -7.57 -2.07
C THR A 80 4.00 -7.91 -3.48
N TYR A 81 5.25 -8.38 -3.60
CA TYR A 81 5.73 -8.78 -4.92
C TYR A 81 4.78 -9.88 -5.44
N ASP A 82 4.60 -10.88 -4.60
CA ASP A 82 3.75 -12.02 -4.93
C ASP A 82 2.35 -11.56 -5.31
N TYR A 83 1.77 -10.57 -4.61
CA TYR A 83 0.40 -10.19 -4.93
C TYR A 83 0.34 -9.70 -6.37
N TYR A 84 1.24 -8.76 -6.66
CA TYR A 84 1.19 -8.16 -8.01
C TYR A 84 1.47 -9.19 -9.10
N LYS A 85 2.41 -10.10 -8.89
CA LYS A 85 2.71 -11.11 -9.90
C LYS A 85 1.56 -12.09 -10.08
N ASN A 86 1.18 -12.79 -9.02
CA ASN A 86 0.13 -13.79 -9.11
C ASN A 86 -1.23 -13.21 -9.45
N VAL A 87 -1.53 -12.01 -8.95
CA VAL A 87 -2.90 -11.51 -9.14
C VAL A 87 -2.96 -10.58 -10.35
N HIS A 88 -1.93 -9.79 -10.66
CA HIS A 88 -2.14 -8.93 -11.84
C HIS A 88 -1.16 -9.23 -12.95
N ASN A 89 -0.39 -10.31 -12.81
CA ASN A 89 0.63 -10.59 -13.82
C ASN A 89 1.61 -9.45 -13.98
N ARG A 90 1.93 -8.75 -12.90
CA ARG A 90 2.87 -7.64 -12.97
C ARG A 90 4.17 -8.01 -12.26
N LEU A 91 5.31 -7.79 -12.92
CA LEU A 91 6.60 -8.15 -12.35
C LEU A 91 7.30 -6.94 -11.72
N SER A 92 7.24 -6.90 -10.40
CA SER A 92 7.77 -5.80 -9.62
C SER A 92 7.07 -4.49 -9.99
N TYR A 93 7.55 -3.37 -9.49
CA TYR A 93 6.76 -2.14 -9.61
C TYR A 93 6.84 -1.53 -10.99
N ASP A 94 7.92 -1.78 -11.70
CA ASP A 94 8.02 -1.23 -13.06
C ASP A 94 7.50 -2.23 -14.08
N GLY A 95 7.07 -3.41 -13.62
CA GLY A 95 6.58 -4.37 -14.61
C GLY A 95 7.74 -5.07 -15.29
N ASN A 96 8.97 -4.69 -14.94
CA ASN A 96 10.14 -5.38 -15.53
C ASN A 96 11.07 -5.93 -14.45
N ASN A 97 10.56 -6.39 -13.33
CA ASN A 97 11.25 -7.03 -12.23
C ASN A 97 12.34 -6.16 -11.61
N ALA A 98 12.10 -4.85 -11.58
CA ALA A 98 13.02 -3.96 -10.88
C ALA A 98 13.29 -4.46 -9.46
N ALA A 99 14.55 -4.38 -9.04
CA ALA A 99 14.99 -4.62 -7.68
C ALA A 99 14.16 -3.79 -6.71
N ILE A 100 13.68 -4.43 -5.65
CA ILE A 100 12.91 -3.65 -4.67
C ILE A 100 13.81 -3.37 -3.48
N ARG A 101 13.99 -2.10 -3.13
CA ARG A 101 14.84 -1.80 -1.99
C ARG A 101 14.08 -1.10 -0.88
N SER A 102 14.41 -1.45 0.36
CA SER A 102 13.82 -0.84 1.53
C SER A 102 14.92 -0.48 2.53
N SER A 103 14.75 0.63 3.23
CA SER A 103 15.61 0.92 4.37
C SER A 103 14.79 1.00 5.66
N VAL A 104 15.26 0.44 6.76
CA VAL A 104 14.58 0.61 8.04
C VAL A 104 15.50 1.29 9.06
N HIS A 105 14.98 1.54 10.25
CA HIS A 105 15.67 2.39 11.22
C HIS A 105 16.02 3.75 10.60
N TYR A 106 15.05 4.31 9.87
CA TYR A 106 15.26 5.65 9.31
C TYR A 106 15.01 6.71 10.39
N SER A 107 15.96 7.61 10.53
CA SER A 107 15.98 8.66 11.54
C SER A 107 15.71 8.13 12.94
N GLN A 108 15.32 8.98 13.88
CA GLN A 108 15.07 8.57 15.26
C GLN A 108 13.62 8.89 15.64
N GLY A 109 12.92 7.90 16.18
CA GLY A 109 11.53 8.05 16.58
C GLY A 109 10.68 8.58 15.43
N TYR A 110 10.97 8.11 14.22
CA TYR A 110 10.29 8.70 13.06
C TYR A 110 8.93 8.09 12.81
N ASN A 111 7.86 8.87 13.04
CA ASN A 111 6.52 8.31 12.94
C ASN A 111 6.02 8.24 11.51
N ASN A 112 6.76 7.59 10.61
CA ASN A 112 6.19 7.55 9.26
C ASN A 112 6.98 6.60 8.36
N ALA A 113 6.56 6.53 7.11
CA ALA A 113 7.20 5.72 6.08
C ALA A 113 6.90 6.35 4.72
N PHE A 114 7.69 5.99 3.72
CA PHE A 114 7.47 6.62 2.42
C PHE A 114 8.29 5.93 1.34
N TRP A 115 7.95 6.28 0.13
CA TRP A 115 8.64 5.95 -1.10
C TRP A 115 9.33 7.21 -1.59
N ASN A 116 10.65 7.21 -1.74
CA ASN A 116 11.34 8.46 -2.01
C ASN A 116 11.61 8.67 -3.48
N GLY A 117 10.95 7.91 -4.35
CA GLY A 117 11.21 8.01 -5.79
C GLY A 117 12.02 6.83 -6.28
N SER A 118 12.74 6.16 -5.36
CA SER A 118 13.57 5.02 -5.70
C SER A 118 13.51 3.87 -4.70
N GLN A 119 12.92 4.04 -3.52
CA GLN A 119 12.95 2.98 -2.53
C GLN A 119 11.97 3.28 -1.40
N MET A 120 11.59 2.26 -0.65
CA MET A 120 10.77 2.39 0.53
C MET A 120 11.60 2.79 1.73
N VAL A 121 11.03 3.62 2.60
CA VAL A 121 11.74 4.04 3.82
C VAL A 121 10.82 3.89 5.02
N TYR A 122 11.29 3.28 6.12
CA TYR A 122 10.42 3.07 7.28
C TYR A 122 11.04 3.60 8.57
N GLY A 123 10.30 4.47 9.26
CA GLY A 123 10.73 4.91 10.57
C GLY A 123 10.48 3.81 11.60
N ASP A 124 11.04 3.99 12.79
CA ASP A 124 10.73 3.06 13.88
C ASP A 124 9.54 3.52 14.72
N GLY A 125 8.99 4.70 14.46
CA GLY A 125 7.94 5.23 15.33
C GLY A 125 8.50 5.72 16.64
N ASP A 126 7.76 6.55 17.39
CA ASP A 126 8.38 7.02 18.62
C ASP A 126 8.10 6.04 19.74
N GLY A 127 7.49 4.91 19.40
CA GLY A 127 7.16 3.89 20.37
C GLY A 127 5.82 4.07 21.04
N GLN A 128 5.23 5.26 20.94
CA GLN A 128 3.94 5.49 21.61
C GLN A 128 2.88 5.77 20.54
N THR A 129 3.15 6.75 19.69
CA THR A 129 2.35 7.00 18.51
C THR A 129 2.43 5.83 17.53
N PHE A 130 3.64 5.33 17.30
CA PHE A 130 3.87 4.25 16.35
C PHE A 130 4.94 3.31 16.89
N ILE A 131 4.91 2.08 16.41
CA ILE A 131 5.98 1.10 16.48
C ILE A 131 6.57 0.96 15.08
N PRO A 132 7.66 0.26 14.83
CA PRO A 132 8.27 0.26 13.48
C PRO A 132 7.28 -0.05 12.37
N LEU A 133 7.20 0.89 11.43
CA LEU A 133 6.07 0.95 10.53
C LEU A 133 6.02 -0.20 9.53
N SER A 134 7.16 -0.87 9.34
CA SER A 134 7.25 -2.03 8.45
C SER A 134 6.51 -3.21 9.07
N GLY A 135 6.14 -3.09 10.34
CA GLY A 135 5.32 -4.13 10.94
C GLY A 135 3.92 -4.19 10.36
N GLY A 136 3.54 -3.19 9.57
CA GLY A 136 2.23 -3.13 8.94
C GLY A 136 2.26 -3.57 7.48
N ILE A 137 1.67 -4.73 7.17
CA ILE A 137 1.73 -5.09 5.75
C ILE A 137 0.95 -4.10 4.91
N ASP A 138 -0.11 -3.47 5.43
CA ASP A 138 -0.82 -2.51 4.56
C ASP A 138 0.08 -1.32 4.29
N VAL A 139 0.87 -0.92 5.29
CA VAL A 139 1.84 0.15 5.10
C VAL A 139 2.88 -0.20 4.03
N VAL A 140 3.45 -1.39 4.14
CA VAL A 140 4.45 -1.82 3.16
C VAL A 140 3.85 -1.82 1.76
N ALA A 141 2.72 -2.49 1.58
CA ALA A 141 2.08 -2.46 0.25
C ALA A 141 1.65 -1.06 -0.17
N HIS A 142 1.20 -0.21 0.75
CA HIS A 142 0.89 1.18 0.39
C HIS A 142 2.13 1.79 -0.24
N GLU A 143 3.26 1.58 0.43
CA GLU A 143 4.41 2.35 -0.07
C GLU A 143 4.87 1.78 -1.40
N LEU A 144 4.88 0.45 -1.56
CA LEU A 144 5.38 -0.07 -2.84
C LEU A 144 4.42 0.28 -3.97
N THR A 145 3.12 0.43 -3.65
CA THR A 145 2.13 0.79 -4.65
C THR A 145 2.35 2.21 -5.14
N HIS A 146 2.90 3.07 -4.30
CA HIS A 146 3.27 4.38 -4.80
C HIS A 146 4.26 4.26 -5.96
N ALA A 147 5.19 3.30 -5.91
CA ALA A 147 6.14 3.07 -6.99
C ALA A 147 5.41 2.57 -8.23
N VAL A 148 4.49 1.63 -8.05
CA VAL A 148 3.65 1.17 -9.15
C VAL A 148 2.92 2.31 -9.86
N THR A 149 2.23 3.15 -9.09
CA THR A 149 1.54 4.31 -9.64
C THR A 149 2.51 5.21 -10.39
N ASP A 150 3.67 5.49 -9.82
CA ASP A 150 4.64 6.39 -10.43
C ASP A 150 5.14 5.88 -11.78
N TYR A 151 5.18 4.56 -11.93
CA TYR A 151 5.59 3.94 -13.17
C TYR A 151 4.42 3.74 -14.13
N THR A 152 3.20 3.98 -13.67
CA THR A 152 2.06 3.71 -14.58
C THR A 152 1.33 5.02 -14.85
N ALA A 153 0.19 5.26 -14.23
CA ALA A 153 -0.54 6.51 -14.41
C ALA A 153 0.34 7.73 -14.14
N GLY A 154 1.22 7.63 -13.15
CA GLY A 154 2.05 8.77 -12.79
C GLY A 154 1.23 9.91 -12.20
N LEU A 155 0.18 9.59 -11.43
CA LEU A 155 -0.68 10.62 -10.84
C LEU A 155 0.15 11.62 -10.04
N ILE A 156 0.08 12.88 -10.44
CA ILE A 156 0.76 13.99 -9.79
C ILE A 156 0.37 14.11 -8.32
N TYR A 157 1.33 14.25 -7.42
CA TYR A 157 1.01 14.20 -6.00
C TYR A 157 0.45 15.52 -5.48
N GLN A 158 -0.70 15.95 -6.00
CA GLN A 158 -1.34 17.19 -5.57
C GLN A 158 -2.83 17.12 -5.90
N ASN A 159 -3.67 17.79 -5.13
CA ASN A 159 -5.11 17.91 -5.41
C ASN A 159 -5.79 16.59 -5.71
N GLU A 160 -6.69 16.57 -6.70
CA GLU A 160 -7.48 15.36 -6.93
C GLU A 160 -6.61 14.23 -7.48
N SER A 161 -5.68 14.52 -8.40
CA SER A 161 -4.88 13.37 -8.86
C SER A 161 -4.02 12.82 -7.72
N GLY A 162 -3.57 13.69 -6.81
CA GLY A 162 -2.76 13.21 -5.69
C GLY A 162 -3.61 12.45 -4.69
N ALA A 163 -4.87 12.86 -4.57
CA ALA A 163 -5.77 12.10 -3.68
C ALA A 163 -6.05 10.72 -4.26
N ILE A 164 -6.10 10.64 -5.59
CA ILE A 164 -6.32 9.35 -6.28
C ILE A 164 -5.09 8.47 -6.08
N ASN A 165 -3.93 9.09 -6.31
CA ASN A 165 -2.65 8.45 -6.01
C ASN A 165 -2.69 7.83 -4.62
N GLU A 166 -3.11 8.55 -3.59
CA GLU A 166 -3.18 8.03 -2.21
C GLU A 166 -4.16 6.88 -2.04
N ALA A 167 -5.36 7.06 -2.58
CA ALA A 167 -6.40 6.05 -2.47
C ALA A 167 -5.93 4.76 -3.14
N ILE A 168 -5.27 4.91 -4.29
CA ILE A 168 -4.77 3.72 -4.98
C ILE A 168 -3.84 2.96 -4.04
N SER A 169 -3.01 3.72 -3.32
CA SER A 169 -2.07 3.06 -2.41
C SER A 169 -2.78 2.43 -1.20
N ASP A 170 -3.84 3.06 -0.72
CA ASP A 170 -4.60 2.47 0.38
C ASP A 170 -5.38 1.25 -0.09
N ILE A 171 -5.90 1.37 -1.32
CA ILE A 171 -6.69 0.28 -1.88
C ILE A 171 -5.82 -0.95 -2.11
N PHE A 172 -4.69 -0.82 -2.79
CA PHE A 172 -3.90 -2.06 -2.95
C PHE A 172 -3.18 -2.40 -1.67
N GLY A 173 -2.93 -1.42 -0.78
CA GLY A 173 -2.33 -1.81 0.50
C GLY A 173 -3.29 -2.77 1.20
N THR A 174 -4.57 -2.42 1.19
CA THR A 174 -5.62 -3.22 1.79
C THR A 174 -5.83 -4.54 1.07
N LEU A 175 -5.81 -4.51 -0.28
CA LEU A 175 -6.04 -5.76 -1.01
C LEU A 175 -4.90 -6.74 -0.71
N VAL A 176 -3.69 -6.20 -0.54
CA VAL A 176 -2.55 -7.07 -0.22
C VAL A 176 -2.67 -7.64 1.18
N GLU A 177 -3.09 -6.86 2.16
CA GLU A 177 -3.40 -7.35 3.50
C GLU A 177 -4.42 -8.49 3.46
N PHE A 178 -5.48 -8.31 2.66
CA PHE A 178 -6.47 -9.39 2.59
C PHE A 178 -5.78 -10.63 2.01
N TYR A 179 -4.99 -10.36 0.96
CA TYR A 179 -4.25 -11.43 0.29
C TYR A 179 -3.42 -12.26 1.24
N ALA A 180 -2.69 -11.57 2.12
CA ALA A 180 -1.92 -12.33 3.11
C ALA A 180 -2.88 -12.93 4.11
N ASN A 181 -4.08 -12.34 4.18
CA ASN A 181 -5.14 -12.90 4.97
C ASN A 181 -4.79 -13.03 6.44
N LYS A 182 -4.10 -12.03 6.99
CA LYS A 182 -3.84 -12.01 8.42
C LYS A 182 -4.54 -10.78 9.00
N ASN A 183 -5.56 -11.02 9.81
CA ASN A 183 -6.38 -9.96 10.40
C ASN A 183 -6.69 -8.84 9.39
N PRO A 184 -7.21 -9.15 8.22
CA PRO A 184 -7.43 -8.11 7.22
C PRO A 184 -8.59 -7.20 7.59
N ASP A 185 -8.50 -5.96 7.13
CA ASP A 185 -9.53 -4.96 7.38
C ASP A 185 -9.41 -3.88 6.31
N TRP A 186 -10.29 -2.89 6.39
CA TRP A 186 -10.32 -1.74 5.49
C TRP A 186 -9.83 -0.48 6.20
N GLU A 187 -9.02 -0.69 7.24
CA GLU A 187 -8.31 0.36 7.94
C GLU A 187 -6.83 0.32 7.51
N ILE A 188 -6.16 1.43 7.71
CA ILE A 188 -4.77 1.59 7.29
C ILE A 188 -3.83 1.84 8.48
N GLY A 189 -2.87 0.95 8.67
CA GLY A 189 -1.79 1.11 9.61
C GLY A 189 -2.10 0.64 11.02
N GLU A 190 -3.22 -0.02 11.22
CA GLU A 190 -3.67 -0.42 12.55
C GLU A 190 -2.65 -1.27 13.29
N ASP A 191 -1.87 -2.06 12.55
CA ASP A 191 -0.94 -2.99 13.20
C ASP A 191 0.21 -2.23 13.81
N VAL A 192 0.48 -0.99 13.38
CA VAL A 192 1.66 -0.32 13.97
C VAL A 192 1.33 1.00 14.64
N TYR A 193 0.06 1.38 14.65
CA TYR A 193 -0.34 2.63 15.30
C TYR A 193 -0.74 2.46 16.75
N THR A 194 -0.29 3.36 17.61
CA THR A 194 -0.70 3.49 19.00
C THR A 194 -0.87 2.14 19.69
N PRO A 195 0.25 1.51 19.97
CA PRO A 195 0.25 0.19 20.60
C PRO A 195 -0.62 0.16 21.86
N GLY A 196 -0.71 1.30 22.56
CA GLY A 196 -1.50 1.41 23.77
C GLY A 196 -2.98 1.65 23.60
N ILE A 197 -3.47 1.84 22.38
CA ILE A 197 -4.88 2.08 22.09
C ILE A 197 -5.42 1.04 21.12
N SER A 198 -6.41 0.22 21.51
CA SER A 198 -6.79 -0.80 20.51
C SER A 198 -7.90 -0.28 19.61
N GLY A 199 -8.03 -0.81 18.40
CA GLY A 199 -9.14 -0.49 17.53
C GLY A 199 -9.03 0.73 16.65
N ASP A 200 -8.00 1.56 16.78
CA ASP A 200 -7.86 2.74 15.92
C ASP A 200 -6.92 2.51 14.73
N SER A 201 -6.76 3.54 13.91
CA SER A 201 -5.87 3.47 12.75
C SER A 201 -5.64 4.88 12.23
N LEU A 202 -4.91 5.03 11.13
CA LEU A 202 -4.66 6.36 10.58
C LEU A 202 -5.82 6.80 9.70
N ARG A 203 -6.40 5.84 8.99
CA ARG A 203 -7.45 6.14 8.02
C ARG A 203 -8.44 4.99 7.94
N SER A 204 -9.69 5.30 7.62
CA SER A 204 -10.60 4.15 7.47
C SER A 204 -11.16 4.16 6.06
N MET A 205 -11.11 3.05 5.33
CA MET A 205 -11.74 3.11 4.02
C MET A 205 -13.25 2.96 4.10
N SER A 206 -13.72 2.15 5.06
CA SER A 206 -15.15 1.87 5.22
C SER A 206 -15.91 3.07 5.76
N ASP A 207 -15.27 3.88 6.61
CA ASP A 207 -15.89 5.10 7.11
C ASP A 207 -14.83 6.17 7.35
N PRO A 208 -14.47 6.83 6.26
CA PRO A 208 -13.41 7.83 6.32
C PRO A 208 -13.65 8.88 7.40
N ALA A 209 -14.91 9.20 7.62
CA ALA A 209 -15.32 10.22 8.58
C ALA A 209 -14.80 9.94 10.01
N LYS A 210 -14.54 8.69 10.34
CA LYS A 210 -13.98 8.21 11.59
C LYS A 210 -12.75 8.99 12.03
N TYR A 211 -11.96 9.44 11.04
CA TYR A 211 -10.75 10.17 11.32
C TYR A 211 -10.76 11.53 10.63
N GLY A 212 -11.97 12.05 10.40
CA GLY A 212 -12.11 13.39 9.86
C GLY A 212 -11.87 13.51 8.37
N ASP A 213 -11.88 12.39 7.65
CA ASP A 213 -11.69 12.45 6.20
C ASP A 213 -13.05 12.48 5.52
N PRO A 214 -13.19 13.23 4.43
CA PRO A 214 -14.47 13.32 3.73
C PRO A 214 -14.83 11.97 3.12
N ASP A 215 -16.12 11.71 3.04
CA ASP A 215 -16.65 10.50 2.42
C ASP A 215 -17.63 10.88 1.30
N HIS A 216 -17.53 12.12 0.83
CA HIS A 216 -18.39 12.66 -0.21
C HIS A 216 -17.76 13.88 -0.86
N TYR A 217 -17.92 14.00 -2.17
CA TYR A 217 -17.34 15.12 -2.89
C TYR A 217 -17.74 16.46 -2.29
N SER A 218 -18.93 16.53 -1.70
CA SER A 218 -19.35 17.83 -1.17
C SER A 218 -18.53 18.23 0.05
N LYS A 219 -17.76 17.30 0.58
CA LYS A 219 -16.97 17.47 1.79
C LYS A 219 -15.48 17.61 1.52
N ARG A 220 -15.11 17.78 0.26
CA ARG A 220 -13.69 17.80 -0.12
C ARG A 220 -12.93 18.99 0.45
N TYR A 221 -11.67 18.76 0.78
CA TYR A 221 -10.81 19.84 1.28
C TYR A 221 -10.22 20.59 0.10
N THR A 222 -10.25 21.93 0.15
CA THR A 222 -9.79 22.76 -0.95
C THR A 222 -8.70 23.72 -0.54
N GLY A 223 -8.17 23.54 0.67
CA GLY A 223 -7.01 24.32 1.10
C GLY A 223 -5.73 23.81 0.50
N THR A 224 -4.59 24.33 0.98
CA THR A 224 -3.34 23.94 0.36
C THR A 224 -2.55 22.99 1.24
N GLN A 225 -3.03 22.69 2.44
CA GLN A 225 -2.23 21.81 3.29
C GLN A 225 -2.17 20.41 2.69
N ASP A 226 -1.18 19.61 3.09
CA ASP A 226 -1.13 18.21 2.68
C ASP A 226 -1.18 18.07 1.17
N ASN A 227 -0.50 18.99 0.48
CA ASN A 227 -0.48 19.00 -0.97
C ASN A 227 -1.89 19.16 -1.55
N GLY A 228 -2.72 19.97 -0.90
CA GLY A 228 -4.10 20.05 -1.33
C GLY A 228 -4.94 18.88 -0.83
N GLY A 229 -4.54 18.33 0.31
CA GLY A 229 -5.25 17.33 1.06
C GLY A 229 -5.25 15.94 0.47
N VAL A 230 -4.11 15.53 -0.09
CA VAL A 230 -4.10 14.23 -0.79
C VAL A 230 -4.41 13.10 0.18
N HIS A 231 -4.09 13.26 1.46
CA HIS A 231 -4.41 12.24 2.44
C HIS A 231 -5.80 12.42 3.02
N ILE A 232 -6.48 13.47 2.57
CA ILE A 232 -7.77 13.82 3.15
C ILE A 232 -8.91 13.42 2.22
N ASN A 233 -8.84 14.01 1.03
CA ASN A 233 -9.76 13.73 -0.05
C ASN A 233 -9.64 12.31 -0.58
N SER A 234 -8.57 11.59 -0.17
CA SER A 234 -8.47 10.19 -0.58
C SER A 234 -9.63 9.40 0.03
N GLY A 235 -10.24 9.90 1.09
CA GLY A 235 -11.34 9.18 1.73
C GLY A 235 -12.55 9.02 0.81
N ILE A 236 -12.76 10.02 -0.05
CA ILE A 236 -13.85 9.99 -1.02
C ILE A 236 -13.66 8.84 -2.01
N ILE A 237 -12.42 8.63 -2.46
CA ILE A 237 -12.14 7.48 -3.33
C ILE A 237 -12.07 6.19 -2.52
N ASN A 238 -11.44 6.19 -1.35
CA ASN A 238 -11.41 4.98 -0.52
C ASN A 238 -12.83 4.48 -0.25
N LYS A 239 -13.72 5.43 0.07
CA LYS A 239 -15.10 5.05 0.33
C LYS A 239 -15.73 4.43 -0.92
N ALA A 240 -15.46 5.05 -2.08
CA ALA A 240 -16.04 4.45 -3.29
C ALA A 240 -15.51 3.03 -3.48
N ALA A 241 -14.20 2.86 -3.32
CA ALA A 241 -13.65 1.52 -3.52
C ALA A 241 -14.22 0.55 -2.51
N TYR A 242 -14.35 0.99 -1.26
CA TYR A 242 -14.97 0.08 -0.28
C TYR A 242 -16.37 -0.33 -0.73
N LEU A 243 -17.16 0.63 -1.19
CA LEU A 243 -18.54 0.32 -1.57
C LEU A 243 -18.57 -0.64 -2.75
N ILE A 244 -17.72 -0.38 -3.74
CA ILE A 244 -17.68 -1.26 -4.92
C ILE A 244 -17.42 -2.70 -4.47
N SER A 245 -16.56 -2.90 -3.46
CA SER A 245 -16.24 -4.28 -3.06
C SER A 245 -17.33 -4.85 -2.16
N GLN A 246 -17.67 -4.07 -1.15
CA GLN A 246 -18.47 -4.57 -0.04
C GLN A 246 -19.93 -4.19 -0.15
N GLY A 247 -20.20 -3.15 -0.94
CA GLY A 247 -21.59 -2.72 -1.10
C GLY A 247 -22.03 -1.95 0.13
N GLY A 248 -23.25 -1.43 0.10
CA GLY A 248 -23.85 -0.70 1.21
C GLY A 248 -24.68 0.45 0.68
N THR A 249 -25.40 1.12 1.55
CA THR A 249 -26.15 2.33 1.22
C THR A 249 -25.46 3.55 1.83
N HIS A 250 -25.11 4.54 1.02
CA HIS A 250 -24.34 5.68 1.53
C HIS A 250 -25.00 7.00 1.17
N TYR A 251 -25.40 7.79 2.16
CA TYR A 251 -26.25 8.96 1.96
C TYR A 251 -27.41 8.58 1.03
N GLY A 252 -28.03 7.43 1.30
CA GLY A 252 -29.23 7.08 0.56
C GLY A 252 -28.98 6.41 -0.76
N VAL A 253 -27.71 6.30 -1.15
CA VAL A 253 -27.39 5.65 -2.43
C VAL A 253 -26.92 4.23 -2.17
N SER A 254 -27.63 3.25 -2.71
CA SER A 254 -27.30 1.85 -2.52
C SER A 254 -26.34 1.36 -3.60
N VAL A 255 -25.34 0.61 -3.17
CA VAL A 255 -24.36 -0.04 -4.00
C VAL A 255 -24.36 -1.55 -3.77
N VAL A 256 -24.45 -2.33 -4.84
CA VAL A 256 -24.21 -3.77 -4.73
C VAL A 256 -22.73 -4.08 -4.83
N GLY A 257 -22.16 -4.72 -3.82
CA GLY A 257 -20.71 -4.97 -3.81
C GLY A 257 -20.39 -6.13 -4.73
N ILE A 258 -19.21 -6.11 -5.35
CA ILE A 258 -18.82 -7.17 -6.28
C ILE A 258 -17.62 -7.95 -5.75
N GLY A 259 -17.16 -7.59 -4.55
CA GLY A 259 -16.09 -8.38 -3.95
C GLY A 259 -14.73 -7.80 -4.29
N ARG A 260 -13.72 -8.14 -3.51
CA ARG A 260 -12.39 -7.58 -3.53
C ARG A 260 -11.61 -7.80 -4.81
N ASP A 261 -11.64 -9.04 -5.29
CA ASP A 261 -10.91 -9.39 -6.50
C ASP A 261 -11.34 -8.56 -7.70
N LYS A 262 -12.64 -8.36 -7.92
CA LYS A 262 -13.10 -7.54 -9.05
C LYS A 262 -12.77 -6.07 -8.80
N LEU A 263 -12.84 -5.62 -7.55
CA LEU A 263 -12.42 -4.26 -7.24
C LEU A 263 -10.97 -4.07 -7.70
N GLY A 264 -10.17 -5.07 -7.32
CA GLY A 264 -8.75 -5.11 -7.66
C GLY A 264 -8.55 -5.13 -9.16
N LYS A 265 -9.24 -6.01 -9.89
CA LYS A 265 -9.06 -6.03 -11.34
C LYS A 265 -9.46 -4.71 -11.98
N ILE A 266 -10.57 -4.15 -11.49
CA ILE A 266 -11.02 -2.91 -12.12
C ILE A 266 -10.08 -1.75 -11.88
N PHE A 267 -9.61 -1.57 -10.64
CA PHE A 267 -8.73 -0.44 -10.34
C PHE A 267 -7.32 -0.65 -10.85
N TYR A 268 -6.87 -1.91 -10.96
CA TYR A 268 -5.54 -2.13 -11.53
C TYR A 268 -5.57 -1.72 -13.01
N ARG A 269 -6.65 -2.11 -13.67
CA ARG A 269 -6.75 -1.78 -15.10
C ARG A 269 -6.86 -0.28 -15.32
N ALA A 270 -7.68 0.40 -14.52
CA ALA A 270 -7.83 1.84 -14.58
C ALA A 270 -6.48 2.52 -14.36
N LEU A 271 -5.73 1.94 -13.42
CA LEU A 271 -4.44 2.53 -13.07
C LEU A 271 -3.44 2.39 -14.20
N THR A 272 -3.42 1.23 -14.83
CA THR A 272 -2.40 0.94 -15.83
C THR A 272 -2.85 1.28 -17.24
N GLN A 273 -4.14 1.46 -17.51
CA GLN A 273 -4.51 1.65 -18.91
C GLN A 273 -5.22 2.96 -19.20
N TYR A 274 -5.76 3.63 -18.17
CA TYR A 274 -6.58 4.80 -18.46
C TYR A 274 -6.19 6.06 -17.71
N LEU A 275 -5.79 5.92 -16.45
CA LEU A 275 -5.47 7.10 -15.65
C LEU A 275 -4.20 7.75 -16.19
N THR A 276 -4.11 9.08 -16.07
CA THR A 276 -2.96 9.85 -16.53
C THR A 276 -2.45 10.74 -15.40
N PRO A 277 -1.28 11.36 -15.49
CA PRO A 277 -0.80 12.19 -14.39
C PRO A 277 -1.80 13.22 -13.90
N THR A 278 -2.69 13.75 -14.73
CA THR A 278 -3.55 14.81 -14.19
C THR A 278 -4.99 14.35 -14.03
N SER A 279 -5.26 13.04 -14.03
CA SER A 279 -6.64 12.60 -13.84
C SER A 279 -7.27 13.17 -12.58
N ASN A 280 -8.47 13.73 -12.72
CA ASN A 280 -9.20 14.16 -11.53
C ASN A 280 -10.23 13.10 -11.16
N PHE A 281 -11.04 13.36 -10.13
CA PHE A 281 -12.02 12.42 -9.61
C PHE A 281 -13.02 11.93 -10.64
N SER A 282 -13.63 12.88 -11.34
CA SER A 282 -14.55 12.54 -12.40
C SER A 282 -13.88 11.72 -13.50
N GLN A 283 -12.63 12.04 -13.83
CA GLN A 283 -11.92 11.19 -14.80
C GLN A 283 -11.70 9.81 -14.24
N LEU A 284 -11.44 9.71 -12.94
CA LEU A 284 -11.27 8.37 -12.37
C LEU A 284 -12.53 7.55 -12.56
N ARG A 285 -13.67 8.21 -12.32
CA ARG A 285 -14.93 7.48 -12.48
C ARG A 285 -15.03 6.92 -13.90
N ALA A 286 -14.73 7.75 -14.90
CA ALA A 286 -14.85 7.26 -16.27
C ALA A 286 -13.84 6.17 -16.58
N ALA A 287 -12.65 6.23 -16.01
CA ALA A 287 -11.66 5.18 -16.18
C ALA A 287 -12.12 3.86 -15.55
N ALA A 288 -12.68 3.95 -14.35
CA ALA A 288 -13.14 2.73 -13.68
C ALA A 288 -14.33 2.13 -14.40
N VAL A 289 -15.20 3.00 -14.93
CA VAL A 289 -16.34 2.48 -15.69
C VAL A 289 -15.83 1.76 -16.93
N GLN A 290 -14.89 2.41 -17.64
CA GLN A 290 -14.38 1.79 -18.87
C GLN A 290 -13.66 0.51 -18.52
N SER A 291 -13.00 0.49 -17.35
CA SER A 291 -12.27 -0.70 -16.99
C SER A 291 -13.23 -1.86 -16.75
N ALA A 292 -14.32 -1.54 -16.06
CA ALA A 292 -15.31 -2.54 -15.69
C ALA A 292 -16.00 -3.10 -16.94
N THR A 293 -16.20 -2.18 -17.88
CA THR A 293 -16.78 -2.45 -19.18
C THR A 293 -15.92 -3.45 -19.95
N ASP A 294 -14.66 -3.08 -20.14
CA ASP A 294 -13.68 -3.93 -20.78
C ASP A 294 -13.75 -5.34 -20.20
N LEU A 295 -13.70 -5.39 -18.87
CA LEU A 295 -13.60 -6.65 -18.15
C LEU A 295 -14.90 -7.43 -18.09
N TYR A 296 -16.04 -6.75 -17.94
CA TYR A 296 -17.25 -7.52 -17.61
C TYR A 296 -18.42 -7.22 -18.53
N GLY A 297 -18.26 -6.29 -19.45
CA GLY A 297 -19.35 -5.95 -20.34
C GLY A 297 -20.19 -4.78 -19.86
N SER A 298 -20.50 -3.89 -20.79
CA SER A 298 -21.32 -2.70 -20.59
C SER A 298 -22.55 -2.98 -19.74
N THR A 299 -23.17 -4.14 -19.87
CA THR A 299 -24.43 -4.38 -19.16
C THR A 299 -24.23 -5.04 -17.80
N SER A 300 -22.97 -5.23 -17.42
CA SER A 300 -22.63 -5.95 -16.21
C SER A 300 -23.16 -5.31 -14.93
N GLN A 301 -23.32 -6.13 -13.90
CA GLN A 301 -23.54 -5.62 -12.55
C GLN A 301 -22.35 -4.75 -12.14
N GLU A 302 -21.18 -5.26 -12.54
CA GLU A 302 -19.90 -4.68 -12.21
C GLU A 302 -19.88 -3.20 -12.60
N VAL A 303 -20.15 -2.95 -13.89
CA VAL A 303 -20.22 -1.58 -14.36
C VAL A 303 -21.27 -0.80 -13.58
N ALA A 304 -22.41 -1.45 -13.32
CA ALA A 304 -23.48 -0.74 -12.62
C ALA A 304 -23.08 -0.46 -11.19
N SER A 305 -22.33 -1.40 -10.59
CA SER A 305 -21.91 -1.12 -9.21
C SER A 305 -20.87 -0.01 -9.16
N VAL A 306 -19.97 0.04 -10.14
CA VAL A 306 -19.02 1.15 -10.16
C VAL A 306 -19.71 2.50 -10.24
N LYS A 307 -20.77 2.61 -11.05
CA LYS A 307 -21.51 3.86 -11.18
C LYS A 307 -22.21 4.22 -9.87
N GLN A 308 -22.83 3.22 -9.25
CA GLN A 308 -23.52 3.43 -7.98
CA GLN A 308 -23.54 3.51 -7.99
C GLN A 308 -22.55 3.99 -6.94
N ALA A 309 -21.37 3.37 -6.89
CA ALA A 309 -20.40 3.77 -5.86
C ALA A 309 -20.01 5.23 -6.03
N PHE A 310 -19.65 5.60 -7.26
CA PHE A 310 -19.27 6.99 -7.51
C PHE A 310 -20.47 7.91 -7.34
N ASP A 311 -21.68 7.42 -7.67
CA ASP A 311 -22.82 8.29 -7.36
C ASP A 311 -22.89 8.54 -5.87
N ALA A 312 -22.76 7.47 -5.09
CA ALA A 312 -22.85 7.61 -3.65
C ALA A 312 -21.80 8.54 -3.05
N VAL A 313 -20.59 8.67 -3.58
CA VAL A 313 -19.65 9.64 -3.00
C VAL A 313 -19.69 10.99 -3.72
N GLY A 314 -20.69 11.22 -4.55
CA GLY A 314 -20.97 12.48 -5.20
C GLY A 314 -20.05 12.80 -6.37
N VAL A 315 -19.47 11.77 -6.98
CA VAL A 315 -18.52 12.02 -8.06
C VAL A 315 -19.13 11.64 -9.39
N LYS A 316 -19.39 12.62 -10.27
CA LYS A 316 -20.10 12.24 -11.49
C LYS A 316 -19.18 12.28 -12.71
CA CA B . -5.31 -2.55 7.47
CA CA C . -5.35 -5.71 9.76
CA CA D . 21.60 -12.94 13.82
CA CA E . -3.59 1.34 18.20
ZN ZN F . 0.83 7.39 0.47
C1 D38 G . -0.33 10.78 13.26
C2 D38 G . 0.31 11.11 14.46
C3 D38 G . 1.69 11.37 14.40
C4 D38 G . 2.38 11.29 13.20
C5 D38 G . 1.73 10.96 12.00
C6 D38 G . 0.36 10.71 12.04
C7 D38 G . -0.39 11.16 15.79
O8 D38 G . 0.30 11.56 16.78
O9 D38 G . -1.61 10.80 15.87
C10 D38 G . 2.54 10.87 10.73
N11 D38 G . 1.88 10.09 9.69
C12 D38 G . 1.97 8.76 9.42
C13 D38 G . 0.92 8.50 8.57
N14 D38 G . 0.24 9.67 8.36
N15 D38 G . 0.82 10.64 9.06
C16 D38 G . 0.34 7.22 8.07
C17 D38 G . 0.88 6.59 6.79
C18 D38 G . 0.91 5.08 6.59
C19 D38 G . 1.04 4.63 5.13
C20 D38 G . -0.11 4.23 7.33
C21 D38 G . 0.89 7.48 5.56
N22 D38 G . 2.14 7.98 5.25
C23 D38 G . 2.39 8.82 4.06
C24 D38 G . 2.08 8.03 2.76
O25 D38 G . 2.67 6.91 2.68
O26 D38 G . 1.29 8.56 1.94
O27 D38 G . -0.08 7.66 4.82
C28 D38 G . 3.87 9.25 3.98
C29 D38 G . 4.36 9.60 2.58
C30 D38 G . 3.63 10.85 2.08
C31 D38 G . 4.46 11.64 1.07
N32 D38 G . 4.25 13.05 1.40
C1 GLO H . -26.91 -2.42 0.85
C2 GLO H . -26.61 -3.72 0.06
C3 GLO H . -27.28 -3.74 -1.33
O1 GLO H . -26.36 -2.50 2.17
O2 GLO H . -25.19 -3.87 -0.10
O3 GLO H . -26.89 -2.56 -2.04
#